data_4URP
#
_entry.id   4URP
#
_cell.length_a   60.045
_cell.length_b   60.045
_cell.length_c   110.675
_cell.angle_alpha   90.00
_cell.angle_beta   90.00
_cell.angle_gamma   120.00
#
_symmetry.space_group_name_H-M   'P 32'
#
loop_
_entity.id
_entity.type
_entity.pdbx_description
1 polymer 'FATTY ACID REPRESSION MUTANT PROTEIN 2'
2 water water
#
_entity_poly.entity_id   1
_entity_poly.type   'polypeptide(L)'
_entity_poly.pdbx_seq_one_letter_code
;MSPTGNYLNAITNRRTIYNLKPELPQGVGLDDVKRTVHVILKNTPTAFNSQVNRAVIIVGDTHKRIWDAVASAMPTAEAK
KRPESCRDEAYGSVIFFTDLGPTEKLQRDFPALAAAFPTCAAHTTGAVQIQSWTALELLGLGANLQHYNDYVKSALPQDV
PIAWTVQSQLVFGVPTALPEEKTFINNVINVYH
;
_entity_poly.pdbx_strand_id   A,B
#
# COMPACT_ATOMS: atom_id res chain seq x y z
N PRO A 3 20.64 -5.90 14.19
CA PRO A 3 19.27 -5.37 14.17
C PRO A 3 19.24 -3.85 14.27
N THR A 4 18.98 -3.19 13.15
CA THR A 4 18.92 -1.73 13.09
C THR A 4 17.63 -1.27 12.45
N GLY A 5 17.61 -1.18 11.13
CA GLY A 5 16.37 -0.92 10.43
C GLY A 5 15.93 -2.31 10.03
N ASN A 6 15.86 -3.18 11.03
CA ASN A 6 15.46 -4.59 10.84
C ASN A 6 13.94 -4.66 10.64
N TYR A 7 13.37 -3.51 10.28
CA TYR A 7 12.04 -3.37 9.71
C TYR A 7 11.72 -4.40 8.63
N LEU A 8 12.76 -4.88 7.97
CA LEU A 8 12.63 -5.92 6.96
C LEU A 8 12.20 -7.24 7.57
N ASN A 9 12.81 -7.60 8.71
CA ASN A 9 12.54 -8.89 9.34
C ASN A 9 11.08 -9.08 9.76
N ALA A 10 10.40 -7.99 10.05
CA ALA A 10 8.98 -8.03 10.39
C ALA A 10 8.16 -8.20 9.13
N ILE A 11 8.68 -7.70 8.02
CA ILE A 11 8.02 -7.85 6.73
C ILE A 11 8.19 -9.28 6.22
N THR A 12 9.41 -9.79 6.33
CA THR A 12 9.72 -11.13 5.84
C THR A 12 9.00 -12.21 6.63
N ASN A 13 8.80 -11.97 7.93
CA ASN A 13 8.05 -12.89 8.76
C ASN A 13 6.59 -12.50 8.86
N ARG A 14 5.87 -12.71 7.75
CA ARG A 14 4.46 -12.37 7.68
C ARG A 14 3.81 -13.04 6.48
N ARG A 15 2.70 -13.73 6.71
CA ARG A 15 1.92 -14.34 5.62
C ARG A 15 0.51 -14.71 6.07
N THR A 16 -0.32 -15.09 5.12
CA THR A 16 -1.72 -15.42 5.38
C THR A 16 -1.87 -16.60 6.33
N ILE A 17 -2.64 -16.38 7.39
CA ILE A 17 -2.88 -17.40 8.40
C ILE A 17 -4.36 -17.76 8.45
N TYR A 18 -4.66 -19.03 8.22
CA TYR A 18 -6.03 -19.50 8.27
C TYR A 18 -6.27 -20.28 9.56
N ASN A 19 -5.19 -20.78 10.15
CA ASN A 19 -5.26 -21.40 11.47
C ASN A 19 -5.61 -20.34 12.50
N LEU A 20 -6.90 -20.23 12.82
CA LEU A 20 -7.36 -19.17 13.70
C LEU A 20 -8.28 -19.66 14.81
N LYS A 21 -7.98 -19.21 16.02
CA LYS A 21 -8.89 -19.38 17.14
C LYS A 21 -9.22 -17.99 17.63
N PRO A 22 -10.43 -17.81 18.17
CA PRO A 22 -10.80 -16.50 18.73
C PRO A 22 -9.92 -16.17 19.93
N GLU A 23 -8.68 -15.81 19.66
CA GLU A 23 -7.70 -15.54 20.72
C GLU A 23 -7.57 -14.07 21.03
N LEU A 24 -7.34 -13.76 22.29
CA LEU A 24 -7.30 -12.38 22.78
C LEU A 24 -6.29 -11.47 22.07
N PRO A 25 -5.00 -11.88 21.95
CA PRO A 25 -4.31 -13.06 22.48
C PRO A 25 -3.65 -12.79 23.84
N GLN A 26 -2.71 -13.66 24.21
CA GLN A 26 -2.10 -13.65 25.53
C GLN A 26 -1.27 -12.39 25.79
N GLY A 27 -1.68 -11.63 26.81
CA GLY A 27 -0.93 -10.47 27.25
C GLY A 27 -1.28 -9.20 26.51
N VAL A 28 -2.30 -9.27 25.67
CA VAL A 28 -2.73 -8.12 24.88
C VAL A 28 -4.23 -8.12 24.66
N GLY A 29 -4.88 -7.03 25.06
CA GLY A 29 -6.33 -6.92 24.99
C GLY A 29 -6.84 -6.54 23.61
N LEU A 30 -8.03 -5.96 23.59
CA LEU A 30 -8.65 -5.55 22.32
C LEU A 30 -8.29 -4.11 21.98
N ASP A 31 -8.42 -3.21 22.94
CA ASP A 31 -8.12 -1.80 22.71
C ASP A 31 -6.64 -1.59 22.41
N ASP A 32 -5.84 -2.61 22.65
CA ASP A 32 -4.46 -2.61 22.21
C ASP A 32 -4.43 -2.56 20.68
N VAL A 33 -5.16 -3.48 20.07
CA VAL A 33 -5.25 -3.57 18.62
C VAL A 33 -5.81 -2.28 18.04
N LYS A 34 -6.79 -1.72 18.73
CA LYS A 34 -7.46 -0.49 18.30
C LYS A 34 -6.48 0.62 17.94
N ARG A 35 -5.45 0.78 18.77
CA ARG A 35 -4.46 1.82 18.53
C ARG A 35 -3.62 1.49 17.31
N THR A 36 -3.19 0.23 17.22
CA THR A 36 -2.24 -0.22 16.22
C THR A 36 -2.66 0.12 14.79
N VAL A 37 -3.94 -0.03 14.48
CA VAL A 37 -4.45 0.32 13.17
C VAL A 37 -4.74 1.83 13.10
N HIS A 38 -5.19 2.38 14.23
CA HIS A 38 -5.46 3.81 14.34
C HIS A 38 -4.23 4.66 14.04
N VAL A 39 -3.09 4.25 14.61
CA VAL A 39 -1.86 5.00 14.45
C VAL A 39 -1.28 4.85 13.04
N ILE A 40 -1.85 3.93 12.27
CA ILE A 40 -1.43 3.75 10.89
C ILE A 40 -2.28 4.61 9.96
N LEU A 41 -3.60 4.58 10.16
CA LEU A 41 -4.50 5.44 9.40
C LEU A 41 -4.12 6.89 9.58
N LYS A 42 -3.67 7.23 10.78
CA LYS A 42 -3.32 8.60 11.13
C LYS A 42 -1.97 8.97 10.56
N ASN A 43 -1.10 7.98 10.40
CA ASN A 43 0.28 8.25 9.95
C ASN A 43 0.53 7.86 8.50
N THR A 44 -0.50 7.39 7.81
CA THR A 44 -0.36 7.01 6.40
C THR A 44 -0.66 8.17 5.46
N PRO A 45 0.30 8.47 4.58
CA PRO A 45 0.23 9.57 3.62
C PRO A 45 -0.79 9.31 2.51
N THR A 46 -1.84 10.12 2.47
CA THR A 46 -2.74 10.11 1.34
C THR A 46 -2.29 11.21 0.39
N ALA A 47 -2.24 10.90 -0.90
CA ALA A 47 -1.77 11.84 -1.90
C ALA A 47 -2.57 13.13 -1.87
N PHE A 48 -1.88 14.23 -1.66
CA PHE A 48 -2.49 15.56 -1.61
C PHE A 48 -3.41 15.76 -0.41
N ASN A 49 -2.97 15.23 0.74
CA ASN A 49 -3.71 15.25 2.00
C ASN A 49 -5.23 15.05 1.89
N SER A 50 -5.63 14.09 1.06
CA SER A 50 -7.04 13.79 0.87
C SER A 50 -7.62 13.10 2.09
N GLN A 51 -6.80 12.31 2.77
CA GLN A 51 -7.18 11.61 4.00
C GLN A 51 -8.46 10.80 3.79
N VAL A 52 -8.46 9.96 2.77
CA VAL A 52 -9.67 9.26 2.34
C VAL A 52 -9.88 7.91 3.02
N ASN A 53 -8.80 7.27 3.44
CA ASN A 53 -8.91 5.93 4.00
C ASN A 53 -9.30 5.92 5.47
N ARG A 54 -10.36 5.18 5.77
CA ARG A 54 -10.77 4.96 7.16
C ARG A 54 -10.83 3.47 7.42
N ALA A 55 -11.31 3.10 8.60
CA ALA A 55 -11.42 1.70 8.96
C ALA A 55 -12.46 1.45 10.05
N VAL A 56 -12.93 0.21 10.13
CA VAL A 56 -13.83 -0.23 11.17
C VAL A 56 -13.43 -1.62 11.62
N ILE A 57 -13.23 -1.79 12.92
CA ILE A 57 -12.96 -3.10 13.49
C ILE A 57 -14.24 -3.67 14.06
N ILE A 58 -14.51 -4.93 13.73
CA ILE A 58 -15.72 -5.57 14.21
C ILE A 58 -15.38 -6.88 14.92
N VAL A 59 -16.15 -7.19 15.96
CA VAL A 59 -15.88 -8.37 16.79
C VAL A 59 -17.16 -8.97 17.34
N GLY A 60 -17.00 -10.10 18.03
CA GLY A 60 -18.11 -10.75 18.73
C GLY A 60 -19.22 -11.22 17.81
N ASP A 61 -20.44 -10.98 18.22
CA ASP A 61 -21.62 -11.38 17.45
C ASP A 61 -21.93 -10.38 16.34
N THR A 62 -21.11 -9.34 16.24
CA THR A 62 -21.24 -8.38 15.15
C THR A 62 -20.31 -8.82 14.03
N HIS A 63 -19.26 -9.55 14.40
CA HIS A 63 -18.34 -10.13 13.45
C HIS A 63 -18.99 -11.34 12.80
N LYS A 64 -19.55 -12.21 13.63
CA LYS A 64 -20.20 -13.41 13.15
C LYS A 64 -21.42 -13.07 12.31
N ARG A 65 -22.02 -11.92 12.58
CA ARG A 65 -23.26 -11.51 11.93
C ARG A 65 -23.08 -11.27 10.43
N ILE A 66 -21.90 -10.80 10.04
CA ILE A 66 -21.66 -10.44 8.65
C ILE A 66 -21.22 -11.63 7.80
N TRP A 67 -20.25 -12.39 8.29
CA TRP A 67 -19.77 -13.54 7.54
C TRP A 67 -20.84 -14.62 7.42
N ASP A 68 -21.78 -14.62 8.35
CA ASP A 68 -22.93 -15.52 8.27
C ASP A 68 -23.88 -15.05 7.19
N ALA A 69 -23.86 -13.74 6.92
CA ALA A 69 -24.70 -13.16 5.89
C ALA A 69 -24.08 -13.40 4.52
N VAL A 70 -22.76 -13.36 4.46
CA VAL A 70 -22.07 -13.65 3.22
C VAL A 70 -22.22 -15.12 2.89
N ALA A 71 -21.99 -15.97 3.88
CA ALA A 71 -22.08 -17.43 3.69
C ALA A 71 -23.51 -17.92 3.49
N SER A 72 -24.41 -17.01 3.15
CA SER A 72 -25.76 -17.37 2.77
C SER A 72 -26.01 -16.84 1.36
N ALA A 73 -25.25 -15.82 0.98
CA ALA A 73 -25.23 -15.34 -0.40
C ALA A 73 -24.32 -16.25 -1.21
N MET A 74 -23.56 -17.08 -0.50
CA MET A 74 -22.77 -18.15 -1.12
C MET A 74 -23.51 -19.45 -0.94
N PRO A 75 -23.83 -20.14 -2.02
CA PRO A 75 -24.70 -21.29 -1.92
C PRO A 75 -24.13 -22.60 -2.34
N THR A 76 -22.81 -22.75 -2.31
CA THR A 76 -22.25 -24.00 -2.79
C THR A 76 -21.37 -24.79 -1.80
N ALA A 77 -21.46 -24.46 -0.50
CA ALA A 77 -20.85 -25.29 0.54
C ALA A 77 -19.32 -25.19 0.54
N GLU A 78 -18.70 -25.60 -0.57
CA GLU A 78 -17.25 -25.58 -0.68
C GLU A 78 -16.79 -24.17 -1.03
N ALA A 79 -17.74 -23.30 -1.31
CA ALA A 79 -17.45 -21.89 -1.51
C ALA A 79 -18.12 -21.08 -0.40
N LYS A 80 -18.11 -21.62 0.81
CA LYS A 80 -18.57 -20.88 1.97
C LYS A 80 -17.81 -21.32 3.21
N LYS A 81 -16.79 -22.15 3.01
CA LYS A 81 -15.92 -22.58 4.10
C LYS A 81 -14.83 -21.54 4.35
N ARG A 82 -15.00 -20.38 3.72
CA ARG A 82 -14.14 -19.24 3.98
C ARG A 82 -14.86 -18.20 4.86
N PRO A 83 -16.11 -17.82 4.50
CA PRO A 83 -16.78 -16.91 5.43
C PRO A 83 -17.16 -17.59 6.75
N GLU A 84 -17.59 -18.84 6.69
CA GLU A 84 -18.03 -19.52 7.91
C GLU A 84 -16.86 -19.94 8.77
N SER A 85 -15.67 -20.02 8.16
CA SER A 85 -14.45 -20.27 8.93
C SER A 85 -13.84 -18.93 9.34
N CYS A 86 -14.55 -17.85 9.03
CA CYS A 86 -14.14 -16.52 9.47
C CYS A 86 -15.03 -16.06 10.62
N ARG A 87 -16.23 -16.62 10.70
CA ARG A 87 -17.16 -16.25 11.76
C ARG A 87 -17.23 -17.31 12.86
N ASP A 88 -16.41 -18.35 12.75
CA ASP A 88 -16.39 -19.41 13.75
C ASP A 88 -14.98 -19.73 14.20
N GLU A 89 -14.01 -18.97 13.72
CA GLU A 89 -12.62 -19.23 14.05
C GLU A 89 -11.84 -17.96 14.37
N ALA A 90 -12.42 -16.81 14.06
CA ALA A 90 -11.73 -15.55 14.24
C ALA A 90 -12.28 -14.75 15.41
N TYR A 91 -11.40 -13.96 16.03
CA TYR A 91 -11.81 -13.11 17.14
C TYR A 91 -12.59 -11.92 16.59
N GLY A 92 -12.20 -11.47 15.40
CA GLY A 92 -12.88 -10.37 14.75
C GLY A 92 -12.26 -10.09 13.39
N SER A 93 -12.54 -8.91 12.85
CA SER A 93 -11.98 -8.54 11.56
C SER A 93 -11.87 -7.03 11.41
N VAL A 94 -10.73 -6.59 10.90
CA VAL A 94 -10.54 -5.19 10.56
C VAL A 94 -10.92 -4.99 9.11
N ILE A 95 -11.79 -4.03 8.85
CA ILE A 95 -12.21 -3.73 7.49
C ILE A 95 -11.84 -2.29 7.11
N PHE A 96 -11.27 -2.13 5.93
CA PHE A 96 -10.76 -0.84 5.48
C PHE A 96 -11.64 -0.21 4.41
N PHE A 97 -11.71 1.11 4.43
CA PHE A 97 -12.50 1.86 3.47
C PHE A 97 -11.66 2.94 2.79
N THR A 98 -12.30 3.63 1.85
CA THR A 98 -11.76 4.85 1.27
C THR A 98 -12.89 5.84 1.06
N ASP A 99 -12.84 6.95 1.79
CA ASP A 99 -13.87 7.99 1.65
C ASP A 99 -13.85 8.53 0.22
N LEU A 100 -14.88 8.17 -0.53
CA LEU A 100 -15.01 8.62 -1.92
C LEU A 100 -15.35 10.10 -1.98
N GLY A 101 -15.70 10.66 -0.82
CA GLY A 101 -16.03 12.06 -0.69
C GLY A 101 -14.95 13.01 -1.20
N PRO A 102 -13.78 13.03 -0.54
CA PRO A 102 -12.68 13.90 -0.96
C PRO A 102 -12.24 13.61 -2.40
N THR A 103 -12.14 12.34 -2.75
CA THR A 103 -11.71 11.93 -4.09
C THR A 103 -12.67 12.47 -5.15
N GLU A 104 -13.91 12.73 -4.75
CA GLU A 104 -14.86 13.36 -5.65
C GLU A 104 -14.68 14.87 -5.66
N LYS A 105 -14.14 15.41 -4.57
CA LYS A 105 -13.90 16.85 -4.48
C LYS A 105 -12.67 17.25 -5.29
N LEU A 106 -11.62 16.43 -5.21
CA LEU A 106 -10.40 16.70 -5.96
C LEU A 106 -10.64 16.57 -7.46
N GLN A 107 -11.55 15.68 -7.83
CA GLN A 107 -11.91 15.53 -9.23
C GLN A 107 -12.66 16.76 -9.71
N ARG A 108 -13.24 17.49 -8.77
CA ARG A 108 -14.01 18.68 -9.09
C ARG A 108 -13.11 19.89 -9.30
N ASP A 109 -12.27 20.15 -8.30
CA ASP A 109 -11.41 21.34 -8.30
C ASP A 109 -10.28 21.20 -9.32
N PHE A 110 -9.90 19.97 -9.61
CA PHE A 110 -8.84 19.70 -10.58
C PHE A 110 -9.36 18.76 -11.65
N PRO A 111 -10.20 19.27 -12.55
CA PRO A 111 -10.86 18.44 -13.57
C PRO A 111 -9.88 17.85 -14.57
N ALA A 112 -8.64 18.31 -14.57
CA ALA A 112 -7.64 17.82 -15.52
C ALA A 112 -6.93 16.58 -14.99
N LEU A 113 -6.87 16.45 -13.68
CA LEU A 113 -6.18 15.33 -13.05
C LEU A 113 -7.19 14.39 -12.42
N ALA A 114 -8.44 14.49 -12.85
CA ALA A 114 -9.50 13.62 -12.35
C ALA A 114 -9.41 12.19 -12.86
N ALA A 115 -8.23 11.59 -12.75
CA ALA A 115 -8.00 10.23 -13.20
C ALA A 115 -6.99 9.50 -12.32
N ALA A 116 -6.16 10.28 -11.64
CA ALA A 116 -5.15 9.73 -10.74
C ALA A 116 -5.69 9.71 -9.32
N PHE A 117 -6.74 10.49 -9.09
CA PHE A 117 -7.38 10.57 -7.79
C PHE A 117 -8.00 9.24 -7.30
N PRO A 118 -8.74 8.53 -8.17
CA PRO A 118 -9.20 7.22 -7.72
C PRO A 118 -8.05 6.25 -7.52
N THR A 119 -6.96 6.46 -8.27
CA THR A 119 -5.83 5.55 -8.22
C THR A 119 -4.91 5.88 -7.04
N CYS A 120 -4.85 7.16 -6.69
CA CYS A 120 -4.03 7.60 -5.57
C CYS A 120 -4.65 7.20 -4.25
N ALA A 121 -5.95 6.92 -4.28
CA ALA A 121 -6.67 6.47 -3.10
C ALA A 121 -6.51 4.97 -2.92
N ALA A 122 -6.39 4.26 -4.04
CA ALA A 122 -6.19 2.82 -4.01
C ALA A 122 -4.78 2.50 -3.53
N HIS A 123 -3.86 3.41 -3.79
CA HIS A 123 -2.50 3.27 -3.32
C HIS A 123 -2.43 3.35 -1.80
N THR A 124 -3.04 4.39 -1.24
CA THR A 124 -2.92 4.64 0.19
C THR A 124 -3.72 3.66 1.04
N THR A 125 -4.79 3.11 0.49
CA THR A 125 -5.61 2.17 1.25
C THR A 125 -4.91 0.83 1.39
N GLY A 126 -4.13 0.47 0.38
CA GLY A 126 -3.34 -0.75 0.41
C GLY A 126 -2.07 -0.52 1.20
N ALA A 127 -1.83 0.75 1.54
CA ALA A 127 -0.65 1.14 2.30
C ALA A 127 -0.93 0.97 3.80
N VAL A 128 -2.19 1.06 4.17
CA VAL A 128 -2.59 0.83 5.56
C VAL A 128 -2.94 -0.64 5.78
N GLN A 129 -3.29 -1.32 4.69
CA GLN A 129 -3.66 -2.72 4.76
C GLN A 129 -2.45 -3.58 5.12
N ILE A 130 -1.40 -3.47 4.32
CA ILE A 130 -0.22 -4.28 4.53
C ILE A 130 0.48 -3.97 5.84
N GLN A 131 0.36 -2.73 6.30
CA GLN A 131 1.04 -2.31 7.51
C GLN A 131 0.32 -2.78 8.76
N SER A 132 -1.01 -2.66 8.77
CA SER A 132 -1.81 -3.13 9.89
C SER A 132 -1.67 -4.64 10.01
N TRP A 133 -1.70 -5.31 8.87
CA TRP A 133 -1.54 -6.76 8.78
C TRP A 133 -0.18 -7.18 9.31
N THR A 134 0.86 -6.48 8.87
CA THR A 134 2.22 -6.80 9.26
C THR A 134 2.46 -6.44 10.73
N ALA A 135 1.60 -5.60 11.28
CA ALA A 135 1.74 -5.17 12.67
C ALA A 135 0.92 -6.05 13.62
N LEU A 136 -0.24 -6.50 13.16
CA LEU A 136 -1.08 -7.40 13.96
C LEU A 136 -0.36 -8.72 14.20
N GLU A 137 0.44 -9.14 13.23
CA GLU A 137 1.18 -10.38 13.36
C GLU A 137 2.38 -10.22 14.27
N LEU A 138 2.75 -8.98 14.57
CA LEU A 138 3.85 -8.73 15.49
C LEU A 138 3.38 -8.88 16.93
N LEU A 139 2.14 -8.52 17.17
CA LEU A 139 1.53 -8.64 18.49
C LEU A 139 1.44 -10.11 18.89
N GLY A 140 1.25 -10.96 17.88
CA GLY A 140 1.18 -12.40 18.10
C GLY A 140 0.05 -13.02 17.32
N LEU A 141 -0.88 -12.19 16.88
CA LEU A 141 -2.07 -12.65 16.16
C LEU A 141 -1.74 -13.26 14.81
N GLY A 142 -2.71 -13.98 14.27
CA GLY A 142 -2.65 -14.48 12.91
C GLY A 142 -3.75 -13.81 12.11
N ALA A 143 -3.43 -13.39 10.89
CA ALA A 143 -4.39 -12.64 10.09
C ALA A 143 -4.31 -12.99 8.62
N ASN A 144 -5.40 -12.75 7.89
CA ASN A 144 -5.45 -13.05 6.47
C ASN A 144 -6.27 -12.04 5.69
N LEU A 145 -6.04 -12.02 4.38
CA LEU A 145 -6.74 -11.11 3.49
C LEU A 145 -8.14 -11.64 3.18
N GLN A 146 -9.04 -10.72 2.85
CA GLN A 146 -10.35 -11.07 2.31
C GLN A 146 -10.91 -9.90 1.53
N HIS A 147 -11.56 -10.20 0.41
CA HIS A 147 -12.05 -9.16 -0.49
C HIS A 147 -13.51 -9.32 -0.87
N TYR A 148 -14.33 -9.70 0.10
CA TYR A 148 -15.77 -9.75 -0.10
C TYR A 148 -16.33 -8.36 0.06
N ASN A 149 -15.87 -7.43 -0.78
CA ASN A 149 -16.22 -6.03 -0.66
C ASN A 149 -17.71 -5.78 -0.76
N ASP A 150 -18.28 -6.10 -1.92
CA ASP A 150 -19.69 -5.87 -2.18
C ASP A 150 -20.59 -6.62 -1.20
N TYR A 151 -20.17 -7.81 -0.82
CA TYR A 151 -20.96 -8.63 0.10
C TYR A 151 -21.07 -8.03 1.49
N VAL A 152 -19.94 -7.56 2.02
CA VAL A 152 -19.96 -6.95 3.35
C VAL A 152 -20.45 -5.51 3.28
N LYS A 153 -20.39 -4.91 2.10
CA LYS A 153 -20.87 -3.55 1.91
C LYS A 153 -22.37 -3.47 2.12
N SER A 154 -23.09 -4.38 1.48
CA SER A 154 -24.54 -4.45 1.65
C SER A 154 -24.89 -4.93 3.05
N ALA A 155 -24.06 -5.84 3.56
CA ALA A 155 -24.29 -6.44 4.86
C ALA A 155 -24.01 -5.44 5.98
N LEU A 156 -23.16 -4.46 5.68
CA LEU A 156 -22.78 -3.42 6.63
C LEU A 156 -24.02 -2.72 7.19
N PRO A 157 -23.95 -2.28 8.46
CA PRO A 157 -25.07 -1.64 9.15
C PRO A 157 -25.39 -0.25 8.58
N GLN A 158 -26.34 0.44 9.21
CA GLN A 158 -26.81 1.73 8.72
C GLN A 158 -25.99 2.91 9.21
N ASP A 159 -25.33 2.75 10.35
CA ASP A 159 -24.52 3.84 10.92
C ASP A 159 -23.18 3.99 10.21
N VAL A 160 -23.17 3.62 8.94
CA VAL A 160 -21.98 3.72 8.10
C VAL A 160 -22.21 4.74 6.98
N PRO A 161 -21.24 5.62 6.76
CA PRO A 161 -21.27 6.56 5.64
C PRO A 161 -21.29 5.79 4.33
N ILE A 162 -22.33 6.01 3.53
CA ILE A 162 -22.53 5.26 2.29
C ILE A 162 -21.44 5.57 1.27
N ALA A 163 -20.64 6.60 1.55
CA ALA A 163 -19.56 7.00 0.65
C ALA A 163 -18.30 6.17 0.91
N TRP A 164 -18.30 5.40 1.99
CA TRP A 164 -17.14 4.59 2.35
C TRP A 164 -17.04 3.31 1.53
N THR A 165 -16.25 3.37 0.48
CA THR A 165 -16.05 2.24 -0.41
C THR A 165 -15.25 1.12 0.27
N VAL A 166 -15.82 -0.07 0.30
CA VAL A 166 -15.18 -1.22 0.94
C VAL A 166 -14.00 -1.73 0.13
N GLN A 167 -12.83 -1.84 0.77
CA GLN A 167 -11.62 -2.23 0.08
C GLN A 167 -11.12 -3.62 0.49
N SER A 168 -10.99 -3.85 1.79
CA SER A 168 -10.47 -5.13 2.28
C SER A 168 -11.07 -5.51 3.63
N GLN A 169 -10.85 -6.77 4.02
CA GLN A 169 -11.29 -7.27 5.31
C GLN A 169 -10.15 -8.04 5.97
N LEU A 170 -9.47 -7.40 6.91
CA LEU A 170 -8.36 -8.03 7.60
C LEU A 170 -8.89 -8.84 8.78
N VAL A 171 -9.01 -10.14 8.57
CA VAL A 171 -9.55 -11.04 9.57
C VAL A 171 -8.46 -11.51 10.52
N PHE A 172 -8.54 -11.07 11.78
CA PHE A 172 -7.49 -11.37 12.74
C PHE A 172 -7.92 -12.36 13.82
N GLY A 173 -6.95 -13.11 14.32
CA GLY A 173 -7.19 -14.08 15.37
C GLY A 173 -5.94 -14.88 15.68
N ASN A 186 13.04 -9.38 -8.33
CA ASN A 186 14.20 -8.51 -8.30
C ASN A 186 13.91 -7.15 -8.92
N ASN A 187 14.97 -6.42 -9.25
CA ASN A 187 14.82 -5.13 -9.90
C ASN A 187 16.07 -4.76 -10.69
N VAL A 188 15.88 -3.94 -11.71
CA VAL A 188 16.98 -3.52 -12.58
C VAL A 188 17.58 -2.21 -12.09
N ILE A 189 18.88 -2.05 -12.29
CA ILE A 189 19.60 -0.87 -11.80
C ILE A 189 20.45 -0.23 -12.89
N ASN A 190 20.29 1.08 -13.06
CA ASN A 190 21.12 1.87 -13.97
C ASN A 190 21.86 2.95 -13.20
N VAL A 191 23.20 3.08 -13.31
CA VAL A 191 24.18 2.25 -14.06
C VAL A 191 24.22 1.56 -15.43
N TYR A 192 24.32 2.38 -16.48
CA TYR A 192 24.41 1.94 -17.88
C TYR A 192 24.36 0.43 -18.11
N HIS A 193 23.35 -0.10 -18.59
N PRO B 3 9.67 -0.98 22.70
CA PRO B 3 10.53 -2.00 22.11
C PRO B 3 10.05 -3.43 21.93
N THR B 4 8.96 -3.59 21.19
CA THR B 4 8.41 -4.90 20.87
C THR B 4 7.92 -5.15 19.46
N GLY B 5 6.75 -4.63 19.14
CA GLY B 5 6.32 -4.51 17.76
C GLY B 5 6.35 -3.01 17.53
N ASN B 6 7.51 -2.40 17.75
CA ASN B 6 7.70 -0.97 17.57
C ASN B 6 7.78 -0.58 16.08
N TYR B 7 7.18 -1.43 15.26
CA TYR B 7 6.93 -1.19 13.85
C TYR B 7 6.25 0.16 13.65
N LEU B 8 5.47 0.57 14.66
CA LEU B 8 4.76 1.83 14.63
C LEU B 8 5.72 3.01 14.64
N ASN B 9 6.82 2.86 15.38
CA ASN B 9 7.77 3.96 15.55
C ASN B 9 8.42 4.38 14.23
N ALA B 10 8.57 3.42 13.33
CA ALA B 10 9.12 3.69 12.01
C ALA B 10 8.06 4.31 11.12
N ILE B 11 6.80 3.96 11.38
CA ILE B 11 5.69 4.53 10.63
C ILE B 11 5.49 5.99 11.03
N THR B 12 5.71 6.27 12.31
CA THR B 12 5.56 7.62 12.83
C THR B 12 6.78 8.49 12.47
N ASN B 13 7.96 7.90 12.55
CA ASN B 13 9.18 8.60 12.17
C ASN B 13 9.42 8.52 10.66
N ARG B 14 8.49 9.09 9.91
CA ARG B 14 8.56 9.07 8.46
C ARG B 14 7.78 10.24 7.88
N ARG B 15 8.42 11.01 6.99
CA ARG B 15 7.78 12.17 6.39
C ARG B 15 8.53 12.64 5.14
N THR B 16 7.80 13.31 4.25
CA THR B 16 8.36 13.86 3.02
C THR B 16 9.54 14.78 3.29
N ILE B 17 10.64 14.53 2.58
CA ILE B 17 11.84 15.32 2.75
C ILE B 17 12.26 15.96 1.43
N TYR B 18 12.48 17.27 1.46
CA TYR B 18 12.91 17.99 0.27
C TYR B 18 14.36 18.46 0.41
N ASN B 19 14.81 18.63 1.65
CA ASN B 19 16.21 18.90 1.89
C ASN B 19 17.03 17.69 1.54
N LEU B 20 17.53 17.66 0.31
CA LEU B 20 18.29 16.51 -0.15
C LEU B 20 19.65 16.91 -0.71
N LYS B 21 20.67 16.13 -0.37
CA LYS B 21 21.99 16.28 -0.93
C LYS B 21 22.31 14.90 -1.47
N PRO B 22 23.02 14.83 -2.60
CA PRO B 22 23.38 13.53 -3.18
C PRO B 22 24.31 12.76 -2.26
N GLU B 23 23.73 12.20 -1.20
CA GLU B 23 24.51 11.55 -0.15
C GLU B 23 24.52 10.04 -0.31
N LEU B 24 25.61 9.43 0.16
CA LEU B 24 25.80 7.99 0.04
C LEU B 24 24.65 7.16 0.65
N PRO B 25 24.27 7.40 1.92
CA PRO B 25 24.86 8.25 2.97
C PRO B 25 25.91 7.48 3.76
N GLN B 26 26.42 8.08 4.83
CA GLN B 26 27.51 7.50 5.60
C GLN B 26 27.19 6.12 6.20
N GLY B 27 28.10 5.17 5.98
CA GLY B 27 28.05 3.86 6.59
C GLY B 27 27.15 2.95 5.77
N VAL B 28 26.62 3.48 4.67
CA VAL B 28 25.69 2.74 3.83
C VAL B 28 25.96 2.95 2.35
N GLY B 29 26.26 1.87 1.64
CA GLY B 29 26.52 1.94 0.22
C GLY B 29 25.24 1.96 -0.58
N LEU B 30 25.36 1.86 -1.90
CA LEU B 30 24.18 1.87 -2.76
C LEU B 30 23.49 0.52 -2.75
N ASP B 31 24.28 -0.55 -2.90
CA ASP B 31 23.73 -1.90 -2.93
C ASP B 31 23.06 -2.25 -1.60
N ASP B 32 23.42 -1.51 -0.56
CA ASP B 32 22.73 -1.60 0.72
C ASP B 32 21.26 -1.27 0.51
N VAL B 33 21.01 -0.20 -0.22
CA VAL B 33 19.65 0.26 -0.49
C VAL B 33 18.94 -0.71 -1.42
N LYS B 34 19.65 -1.18 -2.42
CA LYS B 34 19.09 -2.07 -3.44
C LYS B 34 18.34 -3.27 -2.87
N ARG B 35 18.94 -3.92 -1.88
CA ARG B 35 18.33 -5.13 -1.32
C ARG B 35 17.12 -4.83 -0.44
N THR B 36 17.08 -3.64 0.13
CA THR B 36 15.96 -3.24 0.99
C THR B 36 14.64 -3.28 0.24
N VAL B 37 14.60 -2.66 -0.93
CA VAL B 37 13.40 -2.68 -1.77
C VAL B 37 13.23 -4.06 -2.41
N HIS B 38 14.35 -4.67 -2.76
CA HIS B 38 14.36 -5.99 -3.39
C HIS B 38 13.60 -7.04 -2.59
N VAL B 39 13.63 -6.92 -1.26
CA VAL B 39 12.95 -7.88 -0.41
C VAL B 39 11.56 -7.40 -0.02
N ILE B 40 11.24 -6.16 -0.36
CA ILE B 40 9.90 -5.63 -0.13
C ILE B 40 9.01 -5.99 -1.32
N LEU B 41 9.59 -5.95 -2.52
CA LEU B 41 8.90 -6.41 -3.71
C LEU B 41 8.66 -7.91 -3.61
N LYS B 42 9.64 -8.60 -3.04
CA LYS B 42 9.61 -10.06 -3.00
C LYS B 42 8.65 -10.57 -1.94
N ASN B 43 8.59 -9.89 -0.80
CA ASN B 43 7.75 -10.33 0.31
C ASN B 43 6.42 -9.60 0.39
N THR B 44 5.99 -9.01 -0.72
CA THR B 44 4.69 -8.35 -0.74
C THR B 44 3.62 -9.24 -1.35
N PRO B 45 2.49 -9.40 -0.65
CA PRO B 45 1.39 -10.28 -1.02
C PRO B 45 0.59 -9.73 -2.19
N THR B 46 1.07 -9.92 -3.40
CA THR B 46 0.28 -9.58 -4.58
C THR B 46 -0.91 -10.53 -4.60
N ALA B 47 -2.11 -9.97 -4.63
CA ALA B 47 -3.33 -10.76 -4.58
C ALA B 47 -3.37 -11.79 -5.70
N PHE B 48 -3.72 -13.01 -5.32
CA PHE B 48 -3.94 -14.11 -6.26
C PHE B 48 -2.61 -14.54 -6.88
N ASN B 49 -1.53 -14.25 -6.16
CA ASN B 49 -0.17 -14.52 -6.61
C ASN B 49 0.12 -14.07 -8.04
N SER B 50 -0.36 -12.88 -8.39
CA SER B 50 -0.11 -12.31 -9.70
C SER B 50 1.34 -11.88 -9.84
N GLN B 51 1.89 -11.35 -8.75
CA GLN B 51 3.29 -10.92 -8.70
C GLN B 51 3.62 -9.94 -9.82
N VAL B 52 3.06 -8.73 -9.71
CA VAL B 52 3.15 -7.74 -10.77
C VAL B 52 4.05 -6.56 -10.41
N ASN B 53 4.54 -6.54 -9.18
CA ASN B 53 5.33 -5.42 -8.69
C ASN B 53 6.74 -5.37 -9.28
N ARG B 54 7.03 -4.29 -10.01
CA ARG B 54 8.35 -4.10 -10.59
C ARG B 54 8.94 -2.77 -10.13
N ALA B 55 10.26 -2.69 -10.14
CA ALA B 55 10.93 -1.47 -9.71
C ALA B 55 12.26 -1.26 -10.39
N VAL B 56 12.71 0.00 -10.43
CA VAL B 56 13.99 0.37 -11.01
C VAL B 56 14.65 1.48 -10.19
N ILE B 57 15.85 1.21 -9.69
CA ILE B 57 16.63 2.23 -9.01
C ILE B 57 17.50 2.97 -10.01
N ILE B 58 17.39 4.30 -9.99
CA ILE B 58 18.06 5.15 -10.95
C ILE B 58 19.00 6.13 -10.25
N VAL B 59 20.20 6.31 -10.81
CA VAL B 59 21.19 7.20 -10.23
C VAL B 59 22.03 7.90 -11.29
N GLY B 60 23.08 8.58 -10.84
CA GLY B 60 24.07 9.19 -11.71
C GLY B 60 23.52 10.16 -12.73
N ASP B 61 24.15 10.18 -13.90
CA ASP B 61 23.71 11.03 -15.00
C ASP B 61 22.59 10.36 -15.80
N THR B 62 22.03 9.29 -15.24
CA THR B 62 20.85 8.67 -15.79
C THR B 62 19.67 9.17 -14.97
N HIS B 63 19.98 9.66 -13.79
CA HIS B 63 19.01 10.28 -12.90
C HIS B 63 18.72 11.69 -13.39
N LYS B 64 19.79 12.46 -13.55
CA LYS B 64 19.68 13.83 -14.03
C LYS B 64 19.15 13.87 -15.45
N ARG B 65 19.36 12.79 -16.18
CA ARG B 65 18.94 12.71 -17.57
C ARG B 65 17.43 12.69 -17.74
N ILE B 66 16.74 11.97 -16.86
CA ILE B 66 15.29 11.83 -16.95
C ILE B 66 14.56 13.05 -16.36
N TRP B 67 15.06 13.57 -15.24
CA TRP B 67 14.46 14.73 -14.63
C TRP B 67 14.68 15.98 -15.47
N ASP B 68 15.72 15.95 -16.30
CA ASP B 68 15.97 17.06 -17.22
C ASP B 68 14.94 17.03 -18.32
N ALA B 69 14.41 15.84 -18.58
CA ALA B 69 13.40 15.66 -19.61
C ALA B 69 12.04 16.12 -19.11
N VAL B 70 11.75 15.80 -17.85
CA VAL B 70 10.50 16.24 -17.24
C VAL B 70 10.53 17.74 -17.06
N ALA B 71 11.61 18.24 -16.45
CA ALA B 71 11.81 19.67 -16.29
C ALA B 71 12.22 20.32 -17.61
N SER B 72 11.44 20.05 -18.66
CA SER B 72 11.63 20.67 -19.96
C SER B 72 10.29 20.58 -20.67
N ALA B 73 9.46 19.66 -20.20
CA ALA B 73 8.06 19.57 -20.62
C ALA B 73 7.24 20.48 -19.70
N MET B 74 7.86 20.87 -18.59
CA MET B 74 7.27 21.89 -17.72
C MET B 74 7.81 23.22 -18.20
N PRO B 75 6.91 24.10 -18.68
CA PRO B 75 7.34 25.32 -19.36
C PRO B 75 7.43 26.57 -18.48
N THR B 76 6.88 26.52 -17.27
CA THR B 76 6.67 27.76 -16.53
C THR B 76 7.51 28.09 -15.30
N ALA B 77 8.72 27.55 -15.23
CA ALA B 77 9.70 27.94 -14.20
C ALA B 77 9.25 27.44 -12.84
N GLU B 78 8.13 27.96 -12.34
CA GLU B 78 7.61 27.59 -11.04
C GLU B 78 7.11 26.15 -11.01
N ALA B 79 7.11 25.52 -12.18
CA ALA B 79 6.70 24.12 -12.31
C ALA B 79 7.91 23.26 -12.65
N LYS B 80 9.09 23.87 -12.58
CA LYS B 80 10.33 23.17 -12.85
C LYS B 80 11.17 23.11 -11.60
N LYS B 81 10.69 23.75 -10.55
CA LYS B 81 11.40 23.83 -9.27
C LYS B 81 11.43 22.48 -8.56
N ARG B 82 10.54 21.59 -8.98
CA ARG B 82 10.49 20.26 -8.39
C ARG B 82 11.44 19.25 -9.05
N PRO B 83 11.37 19.10 -10.39
CA PRO B 83 12.26 18.10 -10.98
C PRO B 83 13.72 18.53 -11.04
N GLU B 84 13.98 19.82 -11.22
CA GLU B 84 15.34 20.31 -11.31
C GLU B 84 16.03 20.25 -9.96
N SER B 85 15.21 20.17 -8.91
CA SER B 85 15.71 19.97 -7.56
C SER B 85 15.73 18.48 -7.26
N CYS B 86 15.13 17.70 -8.15
CA CYS B 86 15.17 16.25 -8.03
C CYS B 86 16.35 15.67 -8.78
N ARG B 87 16.96 16.47 -9.65
CA ARG B 87 18.11 16.01 -10.41
C ARG B 87 19.42 16.57 -9.86
N ASP B 88 19.37 17.77 -9.31
CA ASP B 88 20.59 18.46 -8.87
C ASP B 88 20.76 18.46 -7.35
N GLU B 89 19.84 17.81 -6.64
CA GLU B 89 19.93 17.75 -5.19
C GLU B 89 19.77 16.33 -4.68
N ALA B 90 19.40 15.42 -5.56
CA ALA B 90 19.13 14.04 -5.17
C ALA B 90 20.24 13.09 -5.59
N TYR B 91 20.34 11.97 -4.87
CA TYR B 91 21.32 10.94 -5.19
C TYR B 91 20.74 10.01 -6.24
N GLY B 92 19.43 9.85 -6.22
CA GLY B 92 18.77 8.98 -7.18
C GLY B 92 17.30 8.77 -6.86
N SER B 93 16.64 7.92 -7.63
CA SER B 93 15.22 7.69 -7.44
C SER B 93 14.84 6.24 -7.68
N VAL B 94 13.99 5.71 -6.81
CA VAL B 94 13.38 4.41 -7.02
C VAL B 94 12.05 4.61 -7.70
N ILE B 95 11.89 4.03 -8.88
CA ILE B 95 10.64 4.15 -9.60
C ILE B 95 9.94 2.79 -9.65
N PHE B 96 8.66 2.79 -9.28
CA PHE B 96 7.89 1.55 -9.11
C PHE B 96 6.94 1.33 -10.28
N PHE B 97 6.74 0.06 -10.63
CA PHE B 97 5.86 -0.32 -11.71
C PHE B 97 4.83 -1.33 -11.25
N THR B 98 3.86 -1.59 -12.12
CA THR B 98 3.00 -2.76 -12.01
C THR B 98 2.91 -3.43 -13.37
N ASP B 99 3.43 -4.65 -13.45
CA ASP B 99 3.37 -5.41 -14.70
C ASP B 99 1.93 -5.63 -15.13
N LEU B 100 1.55 -5.01 -16.24
CA LEU B 100 0.20 -5.13 -16.78
C LEU B 100 -0.04 -6.52 -17.35
N GLY B 101 1.05 -7.28 -17.51
CA GLY B 101 0.98 -8.63 -18.04
C GLY B 101 0.05 -9.58 -17.31
N PRO B 102 0.34 -9.88 -16.04
CA PRO B 102 -0.48 -10.80 -15.25
C PRO B 102 -1.93 -10.36 -15.11
N THR B 103 -2.15 -9.10 -14.75
CA THR B 103 -3.51 -8.57 -14.58
C THR B 103 -4.34 -8.77 -15.83
N GLU B 104 -3.71 -8.62 -17.00
CA GLU B 104 -4.40 -8.89 -18.25
C GLU B 104 -4.72 -10.37 -18.39
N LYS B 105 -3.83 -11.22 -17.89
CA LYS B 105 -4.07 -12.66 -17.92
C LYS B 105 -5.19 -13.04 -16.97
N LEU B 106 -5.18 -12.46 -15.78
CA LEU B 106 -6.21 -12.74 -14.79
C LEU B 106 -7.57 -12.27 -15.26
N GLN B 107 -7.61 -11.12 -15.93
CA GLN B 107 -8.85 -10.60 -16.49
C GLN B 107 -9.40 -11.58 -17.51
N ARG B 108 -8.50 -12.19 -18.27
CA ARG B 108 -8.87 -13.11 -19.33
C ARG B 108 -9.52 -14.38 -18.77
N ASP B 109 -8.78 -15.05 -17.89
CA ASP B 109 -9.21 -16.33 -17.34
C ASP B 109 -10.48 -16.20 -16.51
N PHE B 110 -10.55 -15.14 -15.71
CA PHE B 110 -11.71 -14.90 -14.86
C PHE B 110 -12.38 -13.60 -15.27
N PRO B 111 -13.18 -13.63 -16.36
CA PRO B 111 -13.78 -12.42 -16.92
C PRO B 111 -14.84 -11.82 -16.01
N ALA B 112 -15.27 -12.57 -15.00
CA ALA B 112 -16.28 -12.07 -14.07
C ALA B 112 -15.65 -11.12 -13.06
N LEU B 113 -14.41 -11.41 -12.68
CA LEU B 113 -13.70 -10.63 -11.68
C LEU B 113 -12.70 -9.70 -12.34
N ALA B 114 -12.88 -9.47 -13.63
CA ALA B 114 -11.96 -8.64 -14.40
C ALA B 114 -12.09 -7.16 -14.09
N ALA B 115 -12.65 -6.85 -12.92
CA ALA B 115 -12.81 -5.47 -12.48
C ALA B 115 -12.34 -5.30 -11.04
N ALA B 116 -11.53 -6.26 -10.59
CA ALA B 116 -10.97 -6.22 -9.25
C ALA B 116 -9.46 -6.39 -9.34
N PHE B 117 -9.01 -6.85 -10.51
CA PHE B 117 -7.59 -7.06 -10.77
C PHE B 117 -6.78 -5.78 -10.91
N PRO B 118 -7.31 -4.78 -11.65
CA PRO B 118 -6.55 -3.51 -11.66
C PRO B 118 -6.50 -2.87 -10.28
N THR B 119 -7.51 -3.11 -9.45
CA THR B 119 -7.56 -2.54 -8.12
C THR B 119 -6.63 -3.31 -7.18
N CYS B 120 -6.53 -4.62 -7.41
CA CYS B 120 -5.66 -5.47 -6.60
C CYS B 120 -4.19 -5.30 -7.00
N ALA B 121 -3.96 -4.56 -8.07
CA ALA B 121 -2.60 -4.24 -8.50
C ALA B 121 -2.21 -2.88 -7.95
N ALA B 122 -3.20 -1.99 -7.84
CA ALA B 122 -2.97 -0.67 -7.31
C ALA B 122 -2.76 -0.74 -5.80
N HIS B 123 -3.38 -1.72 -5.18
CA HIS B 123 -3.22 -1.95 -3.75
C HIS B 123 -1.80 -2.40 -3.42
N THR B 124 -1.31 -3.36 -4.18
CA THR B 124 -0.01 -3.97 -3.87
C THR B 124 1.17 -3.07 -4.21
N THR B 125 1.03 -2.20 -5.20
CA THR B 125 2.09 -1.24 -5.50
C THR B 125 2.09 -0.14 -4.44
N GLY B 126 0.89 0.26 -4.01
CA GLY B 126 0.76 1.19 -2.90
C GLY B 126 0.96 0.44 -1.60
N ALA B 127 2.08 -0.28 -1.53
CA ALA B 127 2.42 -1.10 -0.38
C ALA B 127 3.92 -1.31 -0.39
N VAL B 128 4.48 -1.41 -1.58
CA VAL B 128 5.93 -1.50 -1.75
C VAL B 128 6.50 -0.09 -1.76
N GLN B 129 5.64 0.87 -2.12
CA GLN B 129 6.03 2.27 -2.14
C GLN B 129 6.21 2.77 -0.71
N ILE B 130 5.17 2.60 0.10
CA ILE B 130 5.18 3.10 1.46
C ILE B 130 6.22 2.39 2.32
N GLN B 131 6.42 1.11 2.08
CA GLN B 131 7.34 0.32 2.88
C GLN B 131 8.79 0.64 2.57
N SER B 132 9.08 0.84 1.29
CA SER B 132 10.43 1.22 0.88
C SER B 132 10.75 2.60 1.41
N TRP B 133 9.82 3.52 1.23
CA TRP B 133 9.94 4.89 1.71
C TRP B 133 10.13 4.92 3.22
N THR B 134 9.37 4.08 3.91
CA THR B 134 9.46 4.00 5.37
C THR B 134 10.78 3.39 5.81
N ALA B 135 11.36 2.53 4.96
CA ALA B 135 12.59 1.83 5.30
C ALA B 135 13.84 2.56 4.82
N LEU B 136 13.72 3.32 3.74
CA LEU B 136 14.84 4.12 3.26
C LEU B 136 15.20 5.20 4.25
N GLU B 137 14.18 5.73 4.93
CA GLU B 137 14.40 6.76 5.93
C GLU B 137 14.89 6.16 7.24
N LEU B 138 14.81 4.84 7.36
CA LEU B 138 15.36 4.15 8.53
C LEU B 138 16.88 4.10 8.41
N LEU B 139 17.36 3.96 7.18
CA LEU B 139 18.79 3.91 6.91
C LEU B 139 19.45 5.24 7.23
N GLY B 140 18.67 6.30 7.13
CA GLY B 140 19.15 7.64 7.39
C GLY B 140 18.91 8.57 6.22
N LEU B 141 18.46 7.99 5.11
CA LEU B 141 18.20 8.75 3.90
C LEU B 141 17.02 9.70 4.05
N GLY B 142 16.84 10.53 3.04
CA GLY B 142 15.68 11.40 2.93
C GLY B 142 15.00 11.10 1.61
N ALA B 143 13.68 10.93 1.65
CA ALA B 143 12.94 10.54 0.47
C ALA B 143 11.60 11.25 0.37
N ASN B 144 11.00 11.20 -0.82
CA ASN B 144 9.69 11.80 -1.04
C ASN B 144 8.95 11.14 -2.19
N LEU B 145 7.63 11.32 -2.19
CA LEU B 145 6.81 10.81 -3.27
C LEU B 145 6.94 11.73 -4.47
N GLN B 146 6.82 11.15 -5.67
CA GLN B 146 6.74 11.90 -6.90
C GLN B 146 5.94 11.12 -7.93
N HIS B 147 4.84 11.69 -8.39
CA HIS B 147 3.95 11.00 -9.32
C HIS B 147 3.96 11.65 -10.69
N TYR B 148 5.15 11.96 -11.18
CA TYR B 148 5.30 12.49 -12.53
C TYR B 148 5.27 11.36 -13.53
N ASN B 149 4.19 10.58 -13.51
CA ASN B 149 4.04 9.46 -14.43
C ASN B 149 3.76 9.89 -15.85
N ASP B 150 3.86 8.96 -16.78
CA ASP B 150 3.78 9.23 -18.23
C ASP B 150 4.99 10.03 -18.71
N TYR B 151 5.24 11.18 -18.08
CA TYR B 151 6.43 11.97 -18.37
C TYR B 151 7.71 11.17 -18.14
N VAL B 152 7.85 10.59 -16.95
CA VAL B 152 9.02 9.77 -16.67
C VAL B 152 8.92 8.44 -17.39
N LYS B 153 7.69 8.02 -17.67
CA LYS B 153 7.45 6.77 -18.38
C LYS B 153 7.92 6.88 -19.83
N SER B 154 7.61 8.01 -20.46
CA SER B 154 8.05 8.25 -21.82
C SER B 154 9.56 8.45 -21.84
N ALA B 155 10.07 9.06 -20.79
CA ALA B 155 11.50 9.36 -20.68
C ALA B 155 12.31 8.10 -20.48
N LEU B 156 11.66 7.03 -20.01
CA LEU B 156 12.31 5.76 -19.80
C LEU B 156 12.92 5.25 -21.11
N PRO B 157 14.03 4.52 -21.00
CA PRO B 157 14.69 3.97 -22.19
C PRO B 157 13.94 2.78 -22.75
N GLN B 158 14.59 1.99 -23.60
CA GLN B 158 13.90 0.87 -24.26
C GLN B 158 14.13 -0.46 -23.56
N ASP B 159 15.08 -0.51 -22.62
CA ASP B 159 15.34 -1.75 -21.89
C ASP B 159 14.20 -2.10 -20.95
N VAL B 160 13.24 -1.19 -20.82
CA VAL B 160 12.06 -1.43 -20.01
C VAL B 160 10.98 -2.10 -20.86
N PRO B 161 10.17 -2.96 -20.25
CA PRO B 161 9.02 -3.54 -20.95
C PRO B 161 7.95 -2.48 -21.13
N ILE B 162 7.31 -2.46 -22.29
CA ILE B 162 6.30 -1.45 -22.59
C ILE B 162 4.99 -1.76 -21.86
N ALA B 163 4.98 -2.87 -21.13
CA ALA B 163 3.80 -3.29 -20.39
C ALA B 163 3.93 -2.91 -18.91
N TRP B 164 5.03 -2.28 -18.55
CA TRP B 164 5.24 -1.81 -17.18
C TRP B 164 4.61 -0.44 -16.96
N THR B 165 3.69 -0.36 -16.01
CA THR B 165 2.98 0.88 -15.73
C THR B 165 3.61 1.65 -14.59
N VAL B 166 4.13 2.84 -14.91
CA VAL B 166 4.74 3.71 -13.91
C VAL B 166 3.71 4.22 -12.91
N GLN B 167 3.97 3.97 -11.63
CA GLN B 167 3.03 4.33 -10.59
C GLN B 167 3.54 5.51 -9.77
N SER B 168 4.81 5.46 -9.41
CA SER B 168 5.40 6.50 -8.58
C SER B 168 6.92 6.61 -8.72
N GLN B 169 7.47 7.72 -8.26
CA GLN B 169 8.91 7.93 -8.24
C GLN B 169 9.38 8.24 -6.82
N LEU B 170 10.10 7.31 -6.22
CA LEU B 170 10.61 7.50 -4.86
C LEU B 170 12.02 8.07 -4.89
N VAL B 171 12.10 9.39 -4.88
CA VAL B 171 13.38 10.09 -4.94
C VAL B 171 14.08 10.07 -3.60
N PHE B 172 15.23 9.40 -3.54
CA PHE B 172 15.96 9.28 -2.29
C PHE B 172 17.26 10.08 -2.32
N GLY B 173 17.64 10.63 -1.17
CA GLY B 173 18.85 11.42 -1.07
C GLY B 173 19.16 11.81 0.36
N ASN B 186 -9.02 8.17 13.02
CA ASN B 186 -10.06 7.57 13.84
C ASN B 186 -10.67 6.36 13.17
N ASN B 187 -11.22 5.46 13.99
CA ASN B 187 -11.87 4.26 13.48
C ASN B 187 -12.88 3.72 14.48
N VAL B 188 -14.11 3.53 14.02
CA VAL B 188 -15.21 3.09 14.88
C VAL B 188 -14.97 1.68 15.39
N ILE B 189 -15.26 1.47 16.67
CA ILE B 189 -15.01 0.19 17.33
C ILE B 189 -16.08 -0.83 17.01
N ASN B 190 -17.26 -0.35 16.66
CA ASN B 190 -18.44 -1.20 16.45
C ASN B 190 -18.61 -2.30 17.50
N VAL B 191 -18.52 -1.90 18.76
CA VAL B 191 -18.83 -2.78 19.87
C VAL B 191 -20.27 -2.54 20.29
N TYR B 192 -21.15 -2.55 19.31
CA TYR B 192 -22.57 -2.24 19.48
C TYR B 192 -22.77 -0.82 19.99
N HIS B 193 -23.87 -0.43 20.40
#